data_8F80
#
_entry.id   8F80
#
_cell.length_a   29.394
_cell.length_b   70.749
_cell.length_c   36.216
_cell.angle_alpha   90.00
_cell.angle_beta   111.44
_cell.angle_gamma   90.00
#
_symmetry.space_group_name_H-M   'P 1 21 1'
#
loop_
_entity.id
_entity.type
_entity.pdbx_description
1 polymer 'Dihydrofolate reductase'
2 non-polymer 'NADP NICOTINAMIDE-ADENINE-DINUCLEOTIDE PHOSPHATE'
3 non-polymer '3-[2-(3-{[2,4-diamino-6-(4-methoxyphenyl)pyrimidin-5-yl]oxy}propoxy)phenyl]propanoic acid'
4 non-polymer GLYCEROL
5 non-polymer 1,2-ETHANEDIOL
6 water water
#
_entity_poly.entity_id   1
_entity_poly.type   'polypeptide(L)'
_entity_poly.pdbx_seq_one_letter_code
;MAHHHHHHMTSVGLIWAQSTSGVIGRDGGIPWRLPEDLAHFKRLTMGHTVVMGRRTWDSLPAAHRPLPGRRNVVVTRQTG
LVAHGAQVVGSLEQALSPAEPDAATWVIGGAQIYALALPLANRCEVTEVDVDLPPEDEDALAPVLDQTWAGTSGEWLVSR
SGLRYRMHSYRRL
;
_entity_poly.pdbx_strand_id   A
#
loop_
_chem_comp.id
_chem_comp.type
_chem_comp.name
_chem_comp.formula
EDO non-polymer 1,2-ETHANEDIOL 'C2 H6 O2'
GOL non-polymer GLYCEROL 'C3 H8 O3'
NAP non-polymer 'NADP NICOTINAMIDE-ADENINE-DINUCLEOTIDE PHOSPHATE' 'C21 H28 N7 O17 P3'
XJB non-polymer '3-[2-(3-{[2,4-diamino-6-(4-methoxyphenyl)pyrimidin-5-yl]oxy}propoxy)phenyl]propanoic acid' 'C23 H26 N4 O5'
#
# COMPACT_ATOMS: atom_id res chain seq x y z
N SER A 11 -8.13 -0.10 14.15
CA SER A 11 -8.03 0.71 12.93
C SER A 11 -7.29 -0.05 11.83
N VAL A 12 -7.94 -0.15 10.68
CA VAL A 12 -7.37 -0.76 9.49
C VAL A 12 -7.27 0.33 8.43
N GLY A 13 -6.07 0.57 7.94
CA GLY A 13 -5.86 1.58 6.92
C GLY A 13 -5.31 0.95 5.66
N LEU A 14 -5.79 1.40 4.51
CA LEU A 14 -5.16 1.09 3.25
CA LEU A 14 -5.18 1.09 3.23
C LEU A 14 -4.22 2.22 2.89
N ILE A 15 -3.05 1.87 2.34
CA ILE A 15 -2.10 2.86 1.87
C ILE A 15 -1.60 2.41 0.51
N TRP A 16 -1.65 3.32 -0.47
CA TRP A 16 -1.21 3.00 -1.82
C TRP A 16 -0.77 4.27 -2.53
N ALA A 17 0.00 4.06 -3.61
CA ALA A 17 0.36 5.11 -4.55
C ALA A 17 -0.18 4.75 -5.93
N GLN A 18 -0.71 5.73 -6.64
CA GLN A 18 -1.26 5.46 -7.95
C GLN A 18 -0.90 6.60 -8.90
N SER A 19 -0.88 6.28 -10.20
CA SER A 19 -0.90 7.35 -11.19
C SER A 19 -2.27 8.03 -11.21
N THR A 20 -2.31 9.22 -11.79
CA THR A 20 -3.61 9.87 -11.97
C THR A 20 -4.60 8.97 -12.70
N SER A 21 -4.13 8.16 -13.64
CA SER A 21 -5.02 7.26 -14.37
C SER A 21 -5.52 6.08 -13.53
N GLY A 22 -4.96 5.90 -12.34
CA GLY A 22 -5.38 4.83 -11.45
C GLY A 22 -4.59 3.56 -11.53
N VAL A 23 -3.42 3.56 -12.14
CA VAL A 23 -2.57 2.39 -12.17
C VAL A 23 -1.79 2.33 -10.86
N ILE A 24 -1.73 1.13 -10.27
CA ILE A 24 -0.88 0.87 -9.13
C ILE A 24 0.22 -0.13 -9.42
N GLY A 25 0.09 -0.96 -10.44
CA GLY A 25 1.08 -2.01 -10.64
C GLY A 25 1.11 -2.42 -12.10
N ARG A 26 2.29 -2.87 -12.53
CA ARG A 26 2.49 -3.33 -13.90
C ARG A 26 3.71 -4.23 -13.90
N ASP A 27 3.59 -5.37 -14.57
CA ASP A 27 4.71 -6.27 -14.76
C ASP A 27 5.31 -6.74 -13.45
N GLY A 28 4.48 -6.90 -12.41
CA GLY A 28 4.95 -7.37 -11.13
C GLY A 28 5.66 -6.33 -10.30
N GLY A 29 5.65 -5.08 -10.74
CA GLY A 29 6.26 -3.99 -10.00
C GLY A 29 5.41 -2.75 -10.12
N ILE A 30 6.05 -1.61 -9.92
CA ILE A 30 5.37 -0.32 -9.91
C ILE A 30 6.00 0.54 -10.98
N PRO A 31 5.21 1.08 -11.93
CA PRO A 31 5.78 1.67 -13.15
C PRO A 31 6.16 3.15 -13.03
N TRP A 32 6.69 3.53 -11.88
CA TRP A 32 7.32 4.84 -11.69
C TRP A 32 8.22 4.72 -10.48
N ARG A 33 9.04 5.73 -10.30
CA ARG A 33 9.91 5.87 -9.14
CA ARG A 33 9.92 5.87 -9.15
C ARG A 33 9.66 7.23 -8.50
N LEU A 34 9.40 7.24 -7.21
CA LEU A 34 9.10 8.48 -6.50
C LEU A 34 9.62 8.38 -5.08
N PRO A 35 10.89 8.77 -4.87
CA PRO A 35 11.50 8.62 -3.55
C PRO A 35 10.69 9.26 -2.45
N GLU A 36 10.05 10.40 -2.73
CA GLU A 36 9.30 11.08 -1.69
C GLU A 36 8.12 10.24 -1.21
N ASP A 37 7.55 9.43 -2.08
CA ASP A 37 6.48 8.53 -1.66
C ASP A 37 7.03 7.38 -0.81
N LEU A 38 8.20 6.87 -1.15
CA LEU A 38 8.81 5.84 -0.29
C LEU A 38 9.01 6.38 1.11
N ALA A 39 9.49 7.62 1.23
CA ALA A 39 9.70 8.19 2.56
C ALA A 39 8.39 8.35 3.31
N HIS A 40 7.35 8.82 2.62
CA HIS A 40 6.01 8.93 3.21
C HIS A 40 5.52 7.58 3.69
N PHE A 41 5.65 6.55 2.85
CA PHE A 41 5.20 5.21 3.21
C PHE A 41 5.92 4.69 4.43
N LYS A 42 7.24 4.90 4.49
CA LYS A 42 8.03 4.51 5.65
CA LYS A 42 8.00 4.47 5.66
C LYS A 42 7.57 5.23 6.92
N ARG A 43 7.35 6.54 6.81
CA ARG A 43 6.96 7.30 7.99
CA ARG A 43 6.96 7.30 7.99
C ARG A 43 5.61 6.85 8.53
N LEU A 44 4.67 6.53 7.66
N LEU A 44 4.66 6.53 7.65
CA LEU A 44 3.34 6.13 8.14
CA LEU A 44 3.34 6.13 8.14
C LEU A 44 3.32 4.71 8.68
C LEU A 44 3.36 4.72 8.72
N THR A 45 4.18 3.84 8.16
CA THR A 45 4.10 2.44 8.52
C THR A 45 5.14 1.99 9.55
N MET A 46 6.19 2.78 9.81
CA MET A 46 7.28 2.30 10.65
C MET A 46 6.75 1.91 12.02
N GLY A 47 7.19 0.74 12.49
CA GLY A 47 6.82 0.26 13.79
C GLY A 47 5.49 -0.42 13.85
N HIS A 48 4.79 -0.54 12.72
CA HIS A 48 3.45 -1.10 12.68
C HIS A 48 3.42 -2.42 11.92
N THR A 49 2.27 -3.09 12.00
CA THR A 49 2.02 -4.24 11.16
C THR A 49 1.63 -3.78 9.77
N VAL A 50 2.21 -4.44 8.76
CA VAL A 50 1.87 -4.25 7.36
C VAL A 50 1.39 -5.60 6.82
N VAL A 51 0.26 -5.56 6.14
CA VAL A 51 -0.40 -6.72 5.58
C VAL A 51 -0.37 -6.58 4.07
N MET A 52 0.10 -7.61 3.38
CA MET A 52 0.22 -7.53 1.93
C MET A 52 -0.17 -8.86 1.31
N GLY A 53 -0.58 -8.82 0.04
CA GLY A 53 -0.74 -10.03 -0.73
C GLY A 53 0.59 -10.65 -1.12
N ARG A 54 0.53 -11.93 -1.41
CA ARG A 54 1.75 -12.67 -1.68
C ARG A 54 2.48 -12.16 -2.92
N ARG A 55 1.75 -11.70 -3.94
N ARG A 55 1.75 -11.76 -3.98
N ARG A 55 1.75 -11.73 -3.96
CA ARG A 55 2.44 -11.22 -5.14
CA ARG A 55 2.43 -11.21 -5.14
CA ARG A 55 2.43 -11.21 -5.14
C ARG A 55 3.20 -9.93 -4.88
C ARG A 55 3.29 -10.02 -4.73
C ARG A 55 3.25 -9.98 -4.79
N THR A 56 2.73 -9.13 -3.91
CA THR A 56 3.48 -7.96 -3.46
C THR A 56 4.71 -8.38 -2.67
N TRP A 57 4.59 -9.38 -1.79
CA TRP A 57 5.75 -9.89 -1.08
C TRP A 57 6.84 -10.33 -2.04
N ASP A 58 6.47 -11.10 -3.07
CA ASP A 58 7.44 -11.60 -4.04
C ASP A 58 8.00 -10.46 -4.91
N SER A 59 7.29 -9.32 -4.99
CA SER A 59 7.73 -8.16 -5.75
C SER A 59 8.79 -7.35 -5.03
N LEU A 60 8.94 -7.55 -3.74
CA LEU A 60 9.85 -6.71 -2.97
C LEU A 60 11.29 -7.05 -3.35
N PRO A 61 12.12 -6.05 -3.66
CA PRO A 61 13.56 -6.31 -3.84
C PRO A 61 14.14 -6.84 -2.54
N ALA A 62 15.20 -7.64 -2.66
CA ALA A 62 15.73 -8.34 -1.50
C ALA A 62 16.13 -7.40 -0.39
N ALA A 63 16.62 -6.20 -0.72
CA ALA A 63 17.00 -5.25 0.31
C ALA A 63 15.82 -4.79 1.15
N HIS A 64 14.59 -4.96 0.64
CA HIS A 64 13.39 -4.45 1.28
C HIS A 64 12.42 -5.57 1.66
N ARG A 65 12.92 -6.80 1.68
CA ARG A 65 12.02 -7.94 1.97
CA ARG A 65 12.04 -7.95 1.98
C ARG A 65 12.67 -8.76 3.10
N PRO A 66 12.12 -8.79 4.31
CA PRO A 66 10.92 -8.07 4.73
C PRO A 66 11.17 -6.57 4.85
N LEU A 67 10.08 -5.82 4.89
CA LEU A 67 10.16 -4.38 5.11
C LEU A 67 10.71 -4.13 6.52
N PRO A 68 11.87 -3.51 6.66
CA PRO A 68 12.50 -3.45 7.98
CA PRO A 68 12.48 -3.47 7.99
C PRO A 68 11.71 -2.59 8.95
N GLY A 69 11.70 -3.02 10.21
CA GLY A 69 11.04 -2.24 11.23
C GLY A 69 9.56 -2.37 11.29
N ARG A 70 8.99 -3.30 10.53
CA ARG A 70 7.56 -3.52 10.47
C ARG A 70 7.32 -5.00 10.60
N ARG A 71 6.16 -5.35 11.15
CA ARG A 71 5.74 -6.73 11.22
CA ARG A 71 5.75 -6.73 11.22
C ARG A 71 5.09 -7.07 9.89
N ASN A 72 5.71 -7.95 9.12
CA ASN A 72 5.31 -8.25 7.76
C ASN A 72 4.40 -9.47 7.76
N VAL A 73 3.15 -9.26 7.38
CA VAL A 73 2.15 -10.33 7.33
C VAL A 73 1.75 -10.49 5.87
N VAL A 74 1.80 -11.73 5.37
CA VAL A 74 1.54 -12.03 3.97
C VAL A 74 0.35 -12.95 3.87
N VAL A 75 -0.63 -12.52 3.09
CA VAL A 75 -1.86 -13.26 2.84
C VAL A 75 -1.63 -14.13 1.61
N THR A 76 -1.80 -15.44 1.79
CA THR A 76 -1.55 -16.43 0.75
C THR A 76 -2.46 -17.62 0.98
N ARG A 77 -2.74 -18.37 -0.09
CA ARG A 77 -3.41 -19.66 0.03
C ARG A 77 -2.44 -20.81 0.11
N GLN A 78 -1.14 -20.55 0.01
CA GLN A 78 -0.13 -21.58 0.07
C GLN A 78 0.22 -21.92 1.51
N THR A 79 0.85 -23.07 1.70
CA THR A 79 1.26 -23.46 3.06
C THR A 79 2.29 -22.50 3.63
N GLY A 80 3.24 -22.10 2.81
CA GLY A 80 4.28 -21.18 3.24
C GLY A 80 5.03 -20.75 2.01
N LEU A 81 6.06 -19.94 2.23
CA LEU A 81 6.74 -19.26 1.14
C LEU A 81 8.23 -19.56 1.18
N VAL A 82 8.84 -19.50 -0.01
CA VAL A 82 10.27 -19.75 -0.13
C VAL A 82 11.07 -18.57 0.37
N ALA A 83 10.61 -17.36 0.11
CA ALA A 83 11.32 -16.15 0.52
C ALA A 83 11.02 -15.86 1.99
N HIS A 84 12.09 -15.71 2.78
CA HIS A 84 12.04 -15.58 4.22
C HIS A 84 11.69 -14.20 4.74
N GLY A 85 11.09 -14.21 5.93
CA GLY A 85 10.88 -12.99 6.71
C GLY A 85 9.43 -12.63 6.94
N ALA A 86 8.49 -13.39 6.39
CA ALA A 86 7.07 -13.07 6.51
C ALA A 86 6.44 -13.96 7.56
N GLN A 87 5.31 -13.50 8.11
CA GLN A 87 4.36 -14.36 8.80
C GLN A 87 3.22 -14.62 7.83
N VAL A 88 2.97 -15.89 7.50
CA VAL A 88 1.90 -16.17 6.54
C VAL A 88 0.59 -16.39 7.26
N VAL A 89 -0.46 -15.92 6.61
CA VAL A 89 -1.83 -16.14 7.04
C VAL A 89 -2.66 -16.51 5.80
N GLY A 90 -3.77 -17.18 6.05
CA GLY A 90 -4.64 -17.69 5.00
C GLY A 90 -5.82 -16.83 4.68
N SER A 91 -6.01 -15.73 5.40
CA SER A 91 -7.15 -14.84 5.16
C SER A 91 -6.81 -13.48 5.74
N LEU A 92 -7.56 -12.50 5.27
CA LEU A 92 -7.38 -11.17 5.83
C LEU A 92 -7.80 -11.11 7.29
N GLU A 93 -8.85 -11.84 7.67
CA GLU A 93 -9.28 -11.81 9.07
C GLU A 93 -8.16 -12.33 9.96
N GLN A 94 -7.46 -13.36 9.54
CA GLN A 94 -6.34 -13.88 10.32
C GLN A 94 -5.22 -12.86 10.39
N ALA A 95 -5.04 -12.04 9.35
CA ALA A 95 -4.00 -11.03 9.36
C ALA A 95 -4.28 -9.92 10.36
N LEU A 96 -5.56 -9.62 10.59
CA LEU A 96 -5.97 -8.38 11.26
C LEU A 96 -6.21 -8.53 12.74
N SER A 97 -6.35 -9.75 13.26
CA SER A 97 -6.62 -9.97 14.67
C SER A 97 -5.63 -11.01 15.20
N PRO A 98 -4.99 -10.78 16.36
CA PRO A 98 -5.05 -9.56 17.19
C PRO A 98 -4.30 -8.42 16.53
N ALA A 99 -4.43 -7.20 17.05
CA ALA A 99 -3.90 -6.01 16.41
C ALA A 99 -3.13 -5.16 17.41
N GLU A 100 -2.29 -4.26 16.88
CA GLU A 100 -1.50 -3.37 17.73
C GLU A 100 -2.39 -2.32 18.36
N PRO A 101 -2.30 -2.09 19.67
CA PRO A 101 -3.14 -1.07 20.30
C PRO A 101 -2.76 0.34 19.87
N ASP A 102 -3.76 1.22 19.84
CA ASP A 102 -3.56 2.65 19.58
C ASP A 102 -2.83 2.90 18.26
N ALA A 103 -3.02 2.04 17.27
CA ALA A 103 -2.30 2.17 16.02
C ALA A 103 -3.14 1.57 14.90
N ALA A 104 -2.82 1.96 13.68
CA ALA A 104 -3.41 1.32 12.53
C ALA A 104 -2.62 0.08 12.13
N THR A 105 -3.35 -0.94 11.69
CA THR A 105 -2.76 -2.00 10.90
C THR A 105 -2.87 -1.54 9.46
N TRP A 106 -1.77 -1.56 8.73
CA TRP A 106 -1.73 -1.03 7.38
C TRP A 106 -1.77 -2.14 6.35
N VAL A 107 -2.70 -2.03 5.43
CA VAL A 107 -2.80 -2.91 4.27
C VAL A 107 -2.10 -2.20 3.12
N ILE A 108 -1.05 -2.83 2.59
CA ILE A 108 -0.07 -2.16 1.74
C ILE A 108 -0.07 -2.69 0.32
N GLY A 109 -1.07 -3.47 -0.05
CA GLY A 109 -1.31 -3.91 -1.42
C GLY A 109 -1.10 -5.41 -1.59
N GLY A 110 -1.33 -5.90 -2.81
CA GLY A 110 -1.70 -5.18 -3.99
C GLY A 110 -3.21 -5.14 -4.22
N ALA A 111 -3.62 -5.14 -5.48
CA ALA A 111 -5.02 -4.92 -5.81
C ALA A 111 -5.93 -5.97 -5.20
N GLN A 112 -5.53 -7.24 -5.21
CA GLN A 112 -6.39 -8.27 -4.64
C GLN A 112 -6.58 -8.06 -3.14
N ILE A 113 -5.50 -7.77 -2.43
CA ILE A 113 -5.60 -7.57 -1.00
C ILE A 113 -6.29 -6.26 -0.66
N TYR A 114 -6.15 -5.21 -1.49
CA TYR A 114 -6.95 -4.00 -1.25
C TYR A 114 -8.44 -4.32 -1.36
N ALA A 115 -8.82 -5.13 -2.35
CA ALA A 115 -10.23 -5.46 -2.51
C ALA A 115 -10.76 -6.23 -1.29
N LEU A 116 -9.94 -7.14 -0.75
CA LEU A 116 -10.36 -7.87 0.44
C LEU A 116 -10.53 -6.95 1.62
N ALA A 117 -9.63 -5.96 1.76
CA ALA A 117 -9.59 -5.13 2.95
C ALA A 117 -10.52 -3.93 2.89
N LEU A 118 -10.89 -3.49 1.70
CA LEU A 118 -11.65 -2.26 1.58
C LEU A 118 -12.91 -2.27 2.45
N PRO A 119 -13.70 -3.34 2.50
CA PRO A 119 -14.90 -3.32 3.35
C PRO A 119 -14.60 -3.17 4.83
N LEU A 120 -13.40 -3.50 5.26
CA LEU A 120 -13.02 -3.48 6.66
C LEU A 120 -12.30 -2.21 7.06
N ALA A 121 -11.89 -1.39 6.11
CA ALA A 121 -10.99 -0.30 6.42
C ALA A 121 -11.71 0.92 6.98
N ASN A 122 -11.01 1.67 7.82
N ASN A 122 -10.98 1.65 7.82
CA ASN A 122 -11.54 2.97 8.25
CA ASN A 122 -11.43 2.92 8.37
C ASN A 122 -10.73 4.16 7.74
C ASN A 122 -10.75 4.12 7.73
N ARG A 123 -9.61 3.92 7.05
CA ARG A 123 -8.81 5.00 6.52
C ARG A 123 -8.17 4.53 5.23
N CYS A 124 -7.97 5.47 4.30
CA CYS A 124 -7.12 5.28 3.13
C CYS A 124 -6.15 6.45 3.03
N GLU A 125 -4.90 6.12 2.74
CA GLU A 125 -3.83 7.09 2.52
C GLU A 125 -3.30 6.87 1.11
N VAL A 126 -3.53 7.85 0.25
CA VAL A 126 -3.27 7.72 -1.18
C VAL A 126 -2.20 8.72 -1.58
N THR A 127 -1.20 8.28 -2.32
CA THR A 127 -0.33 9.19 -3.04
C THR A 127 -0.71 9.16 -4.51
N GLU A 128 -0.99 10.33 -5.07
CA GLU A 128 -1.27 10.45 -6.50
C GLU A 128 -0.03 10.98 -7.19
N VAL A 129 0.39 10.30 -8.25
CA VAL A 129 1.58 10.64 -9.00
C VAL A 129 1.14 11.09 -10.37
N ASP A 130 1.54 12.30 -10.77
CA ASP A 130 1.19 12.86 -12.07
C ASP A 130 2.17 12.35 -13.12
N VAL A 131 2.02 11.08 -13.45
CA VAL A 131 2.78 10.41 -14.50
C VAL A 131 1.73 9.88 -15.46
N ASP A 132 1.97 10.06 -16.75
CA ASP A 132 1.03 9.73 -17.80
C ASP A 132 1.20 8.25 -18.15
N LEU A 133 0.31 7.43 -17.62
CA LEU A 133 0.36 5.98 -17.74
C LEU A 133 -1.02 5.50 -18.14
N PRO A 134 -1.34 5.55 -19.43
CA PRO A 134 -2.58 4.94 -19.87
C PRO A 134 -2.63 3.49 -19.43
N PRO A 135 -3.73 3.03 -18.82
CA PRO A 135 -3.75 1.63 -18.35
C PRO A 135 -3.50 0.65 -19.48
N GLU A 136 -2.67 -0.35 -19.20
CA GLU A 136 -2.35 -1.47 -20.08
C GLU A 136 -3.08 -2.71 -19.58
N ASP A 137 -3.12 -3.74 -20.44
CA ASP A 137 -4.13 -4.79 -20.25
C ASP A 137 -3.97 -5.57 -18.97
N GLU A 138 -2.75 -5.75 -18.48
CA GLU A 138 -2.53 -6.53 -17.27
C GLU A 138 -2.26 -5.66 -16.06
N ASP A 139 -2.53 -4.37 -16.13
CA ASP A 139 -2.24 -3.51 -15.00
C ASP A 139 -3.11 -3.84 -13.79
N ALA A 140 -2.53 -3.64 -12.62
CA ALA A 140 -3.28 -3.57 -11.38
C ALA A 140 -3.73 -2.12 -11.19
N LEU A 141 -5.01 -1.94 -10.89
CA LEU A 141 -5.63 -0.63 -10.75
C LEU A 141 -5.97 -0.35 -9.29
N ALA A 142 -6.04 0.94 -8.96
CA ALA A 142 -6.39 1.34 -7.60
C ALA A 142 -7.85 1.00 -7.31
N PRO A 143 -8.17 0.69 -6.07
CA PRO A 143 -9.58 0.51 -5.70
C PRO A 143 -10.33 1.82 -5.85
N VAL A 144 -11.61 1.72 -6.18
CA VAL A 144 -12.48 2.89 -6.30
C VAL A 144 -13.25 3.03 -4.99
N LEU A 145 -13.22 4.21 -4.41
CA LEU A 145 -13.88 4.47 -3.14
C LEU A 145 -15.31 4.96 -3.37
N ASP A 146 -16.23 4.53 -2.52
CA ASP A 146 -17.64 4.84 -2.65
C ASP A 146 -18.05 5.99 -1.73
N GLN A 147 -19.37 6.20 -1.63
CA GLN A 147 -19.97 7.28 -0.86
C GLN A 147 -19.77 7.17 0.65
N THR A 148 -19.15 6.12 1.16
CA THR A 148 -18.94 6.01 2.59
C THR A 148 -17.62 6.64 3.05
N TRP A 149 -16.89 7.30 2.14
CA TRP A 149 -15.60 7.89 2.42
C TRP A 149 -15.65 9.40 2.28
N ALA A 150 -14.97 10.09 3.19
CA ALA A 150 -14.75 11.53 3.11
C ALA A 150 -13.26 11.77 3.06
N GLY A 151 -12.84 12.63 2.14
CA GLY A 151 -11.45 12.80 1.87
C GLY A 151 -11.02 14.25 1.94
N THR A 152 -9.72 14.40 2.10
CA THR A 152 -9.04 15.68 2.02
C THR A 152 -7.78 15.47 1.19
N SER A 153 -7.29 16.56 0.59
CA SER A 153 -6.19 16.49 -0.36
C SER A 153 -5.16 17.55 -0.05
N GLY A 154 -3.90 17.17 -0.11
CA GLY A 154 -2.82 18.12 0.01
C GLY A 154 -2.54 18.80 -1.31
N GLU A 155 -1.70 19.83 -1.23
CA GLU A 155 -1.27 20.55 -2.41
C GLU A 155 -0.36 19.69 -3.28
N TRP A 156 -0.27 20.06 -4.55
CA TRP A 156 0.71 19.43 -5.43
C TRP A 156 2.12 19.81 -5.01
N LEU A 157 2.97 18.82 -4.98
CA LEU A 157 4.37 18.91 -4.63
C LEU A 157 5.20 18.47 -5.83
N VAL A 158 6.43 18.94 -5.90
N VAL A 158 6.46 18.88 -5.85
CA VAL A 158 7.33 18.53 -6.97
CA VAL A 158 7.36 18.57 -6.94
C VAL A 158 8.43 17.67 -6.36
C VAL A 158 8.52 17.72 -6.40
N SER A 159 8.68 16.53 -6.96
CA SER A 159 9.76 15.70 -6.49
CA SER A 159 9.76 15.60 -6.61
C SER A 159 11.10 16.16 -7.08
N ARG A 160 12.17 15.71 -6.46
CA ARG A 160 13.49 16.00 -6.98
C ARG A 160 13.67 15.47 -8.41
N SER A 161 12.93 14.42 -8.78
CA SER A 161 12.95 13.89 -10.14
C SER A 161 12.05 14.64 -11.09
N GLY A 162 11.35 15.67 -10.62
CA GLY A 162 10.50 16.47 -11.46
C GLY A 162 9.05 16.02 -11.56
N LEU A 163 8.70 14.84 -11.07
CA LEU A 163 7.31 14.41 -11.09
C LEU A 163 6.53 15.17 -10.03
N ARG A 164 5.32 15.57 -10.39
CA ARG A 164 4.41 16.16 -9.43
C ARG A 164 3.63 15.05 -8.74
N TYR A 165 3.35 15.26 -7.45
CA TYR A 165 2.63 14.27 -6.66
C TYR A 165 1.91 14.98 -5.53
N ARG A 166 0.96 14.28 -4.92
CA ARG A 166 0.21 14.84 -3.82
CA ARG A 166 0.28 14.83 -3.78
C ARG A 166 -0.37 13.69 -3.01
N MET A 167 -0.78 14.00 -1.80
CA MET A 167 -1.39 13.01 -0.92
C MET A 167 -2.87 13.32 -0.70
N HIS A 168 -3.66 12.28 -0.64
CA HIS A 168 -5.06 12.32 -0.29
C HIS A 168 -5.27 11.41 0.91
N SER A 169 -6.13 11.81 1.81
CA SER A 169 -6.45 11.01 2.99
C SER A 169 -7.95 10.90 3.12
N TYR A 170 -8.42 9.67 3.28
CA TYR A 170 -9.84 9.42 3.41
C TYR A 170 -10.11 8.75 4.74
N ARG A 171 -11.26 9.09 5.31
N ARG A 171 -11.26 9.08 5.31
CA ARG A 171 -11.77 8.48 6.53
CA ARG A 171 -11.76 8.49 6.53
C ARG A 171 -13.19 8.02 6.25
C ARG A 171 -13.19 8.04 6.28
N ARG A 172 -13.56 6.91 6.86
CA ARG A 172 -14.91 6.43 6.72
C ARG A 172 -15.85 7.41 7.41
N LEU A 173 -16.96 7.70 6.77
CA LEU A 173 -17.96 8.55 7.40
C LEU A 173 -18.51 7.91 8.66
PA NAP B . -1.51 -9.07 -4.42
O1A NAP B . -2.82 -8.56 -3.95
O2A NAP B . -0.27 -8.42 -3.92
O5B NAP B . -1.33 -10.61 -4.12
C5B NAP B . -2.23 -11.59 -4.64
C4B NAP B . -2.04 -12.88 -3.89
O4B NAP B . -2.60 -12.74 -2.56
C3B NAP B . -2.74 -14.11 -4.48
O3B NAP B . -2.00 -14.61 -5.59
C2B NAP B . -2.78 -14.99 -3.25
O2B NAP B . -1.51 -15.50 -2.89
C1B NAP B . -3.15 -13.96 -2.16
N9A NAP B . -4.59 -13.84 -1.99
C8A NAP B . -5.48 -13.08 -2.71
N7A NAP B . -6.71 -13.20 -2.30
C5A NAP B . -6.63 -14.10 -1.25
C6A NAP B . -7.60 -14.64 -0.38
N6A NAP B . -8.90 -14.35 -0.47
N1A NAP B . -7.18 -15.50 0.57
C2A NAP B . -5.88 -15.79 0.64
N3A NAP B . -4.87 -15.37 -0.12
C4A NAP B . -5.33 -14.49 -1.03
O3 NAP B . -1.46 -9.12 -6.03
PN NAP B . -1.90 -8.14 -7.20
O1N NAP B . -3.33 -7.75 -7.06
O2N NAP B . -1.47 -8.78 -8.47
O5D NAP B . -1.05 -6.83 -6.90
C5D NAP B . 0.36 -6.85 -7.14
C4D NAP B . 0.75 -5.61 -7.91
O4D NAP B . 0.49 -4.43 -7.13
C3D NAP B . 2.24 -5.55 -8.27
O3D NAP B . 2.39 -4.92 -9.54
C2D NAP B . 2.82 -4.68 -7.16
O2D NAP B . 4.02 -4.05 -7.53
C1D NAP B . 1.69 -3.66 -7.06
N1N NAP B . 1.65 -2.89 -5.81
C2N NAP B . 1.51 -1.53 -5.91
C3N NAP B . 1.42 -0.77 -4.74
C7N NAP B . 1.26 0.71 -4.85
O7N NAP B . 1.01 1.36 -3.83
N7N NAP B . 1.42 1.30 -6.03
C4N NAP B . 1.44 -1.40 -3.52
C5N NAP B . 1.56 -2.77 -3.45
C6N NAP B . 1.66 -3.52 -4.60
P2B NAP B . -1.07 -17.00 -3.35
O1X NAP B . 0.28 -17.16 -2.72
O2X NAP B . -2.12 -17.93 -2.80
O3X NAP B . -1.03 -16.96 -4.86
C16 XJB C . 4.24 2.36 -1.74
C18 XJB C . 5.76 1.17 -3.32
C21 XJB C . 10.33 2.39 -3.92
C20 XJB C . 8.00 1.90 -3.62
C17 XJB C . 5.52 2.23 -2.47
C14 XJB C . 10.41 -0.23 1.21
C13 XJB C . 9.18 -0.29 0.35
C5 XJB C . 4.88 -2.07 -0.89
C2 XJB C . 2.26 1.58 -0.71
C6 XJB C . 6.03 -2.07 -1.86
C3 XJB C . 3.48 1.29 -1.37
C8 XJB C . 8.57 -1.88 -3.08
C12 XJB C . 9.40 -0.82 -1.06
C9 XJB C . 9.82 -1.77 -3.66
C4 XJB C . 4.47 -0.67 -0.46
C1 XJB C . 2.64 3.83 -0.90
C10 XJB C . 10.86 -1.20 -2.96
C11 XJB C . 10.65 -0.74 -1.68
C15 XJB C . 10.18 0.20 2.64
C19 XJB C . 6.99 1.03 -3.94
C22 XJB C . 7.81 2.89 -2.69
C23 XJB C . 6.59 3.04 -2.08
C7 XJB C . 8.37 -1.42 -1.79
N1 XJB C . 2.27 5.09 -0.67
N2 XJB C . 1.85 2.83 -0.47
N3 XJB C . 1.46 0.57 -0.29
N4 XJB C . 3.80 3.63 -1.56
O1 XJB C . 3.87 -0.01 -1.57
O2 XJB C . 7.15 -1.51 -1.17
O3 XJB C . 9.06 0.62 2.99
O4 XJB C . 11.14 0.10 3.43
O5 XJB C . 9.17 1.66 -4.29
C1 GOL D . 6.59 -18.62 6.20
O1 GOL D . 6.49 -19.34 5.02
C2 GOL D . 7.87 -17.73 6.14
O2 GOL D . 9.07 -18.48 6.29
C3 GOL D . 7.77 -16.95 4.82
O3 GOL D . 8.70 -15.88 4.86
C1 EDO E . -3.02 -20.95 -6.58
O1 EDO E . -3.74 -20.88 -5.32
C2 EDO E . -1.72 -21.76 -6.57
O2 EDO E . -1.45 -22.39 -5.33
#